data_6Q9M
#
_entry.id   6Q9M
#
_cell.length_a   51.095
_cell.length_b   80.547
_cell.length_c   93.077
_cell.angle_alpha   90.00
_cell.angle_beta   99.03
_cell.angle_gamma   90.00
#
_symmetry.space_group_name_H-M   'P 1 21 1'
#
loop_
_entity.id
_entity.type
_entity.pdbx_description
1 polymer 'RIM-binding protein, isoform F'
2 non-polymer 'PHOSPHATE ION'
3 water water
#
_entity_poly.entity_id   1
_entity_poly.type   'polypeptide(L)'
_entity_poly.pdbx_seq_one_letter_code
;GPLGSDNVPAPKHLTLERQLNKSVLIGWSPPEPVGYNLIDSYHVYVDGVLKVTVKANERTRALIEGVDSTRPHRISVRSV
TQNRQTSRDAACTMIIGRDTAHLGPSAVRASHITCSSAVISWLPANSNHQHVVCVNNVEVRTVKPGMYRHTITGLAPSTQ
YRVTVRAKHLRAVGQHAANVGQTGGAGRPGQEEAPGAYADFRTLTKGLPDPPQEIQLEAGPQDGTILVTWQPVNRPTSTG
PVTGYAVYADGKKVTDINSPTGDHALIDIGKLGVFNPRAVTIRTKSRDSQSADSAPILIPNTV
;
_entity_poly.pdbx_strand_id   A,B
#
loop_
_chem_comp.id
_chem_comp.type
_chem_comp.name
_chem_comp.formula
PO4 non-polymer 'PHOSPHATE ION' 'O4 P -3'
#
# COMPACT_ATOMS: atom_id res chain seq x y z
N PRO A 2 -12.28 -4.85 19.71
CA PRO A 2 -13.22 -5.98 19.67
C PRO A 2 -12.85 -7.01 18.61
N LEU A 3 -13.28 -6.77 17.37
CA LEU A 3 -12.91 -7.58 16.22
C LEU A 3 -11.99 -6.84 15.27
N GLY A 4 -11.22 -5.89 15.81
CA GLY A 4 -10.33 -5.08 15.00
C GLY A 4 -10.37 -3.60 15.27
N SER A 5 -9.32 -2.91 14.86
CA SER A 5 -9.22 -1.45 14.99
C SER A 5 -8.58 -0.91 13.73
N ASP A 6 -9.04 0.29 13.33
CA ASP A 6 -8.48 0.94 12.15
C ASP A 6 -7.03 1.37 12.35
N ASN A 7 -6.60 1.65 13.58
CA ASN A 7 -5.26 2.17 13.80
C ASN A 7 -4.18 1.15 13.43
N VAL A 8 -4.36 -0.10 13.86
CA VAL A 8 -3.34 -1.15 13.69
C VAL A 8 -3.07 -1.48 12.22
N PRO A 9 -1.87 -1.22 11.71
CA PRO A 9 -1.51 -1.69 10.37
C PRO A 9 -1.72 -3.19 10.22
N ALA A 10 -2.09 -3.60 9.01
CA ALA A 10 -2.57 -4.94 8.74
C ALA A 10 -1.64 -5.68 7.77
N PRO A 11 -1.65 -7.02 7.79
CA PRO A 11 -0.81 -7.77 6.86
C PRO A 11 -1.27 -7.55 5.43
N LYS A 12 -0.37 -7.85 4.50
CA LYS A 12 -0.62 -7.67 3.08
C LYS A 12 -0.25 -8.94 2.32
N HIS A 13 -0.66 -8.98 1.05
CA HIS A 13 -0.27 -10.03 0.12
C HIS A 13 -0.67 -11.42 0.63
N LEU A 14 -1.86 -11.49 1.22
CA LEU A 14 -2.45 -12.77 1.61
C LEU A 14 -2.55 -13.69 0.40
N THR A 15 -2.01 -14.90 0.54
CA THR A 15 -1.89 -15.82 -0.58
C THR A 15 -2.30 -17.23 -0.15
N LEU A 16 -3.11 -17.88 -0.98
CA LEU A 16 -3.35 -19.31 -0.87
C LEU A 16 -2.27 -20.01 -1.67
N GLU A 17 -1.40 -20.73 -0.97
CA GLU A 17 -0.28 -21.38 -1.65
C GLU A 17 -0.59 -22.83 -2.04
N ARG A 18 -1.29 -23.58 -1.19
CA ARG A 18 -1.73 -24.92 -1.56
C ARG A 18 -3.07 -25.22 -0.90
N GLN A 19 -3.88 -26.01 -1.60
CA GLN A 19 -5.15 -26.48 -1.06
C GLN A 19 -5.13 -28.00 -1.04
N LEU A 20 -5.39 -28.58 0.14
CA LEU A 20 -5.48 -30.03 0.33
C LEU A 20 -6.90 -30.36 0.79
N ASN A 21 -7.17 -31.65 0.97
CA ASN A 21 -8.56 -32.08 1.09
C ASN A 21 -9.24 -31.44 2.29
N LYS A 22 -8.58 -31.42 3.45
CA LYS A 22 -9.13 -30.73 4.60
C LYS A 22 -8.14 -29.78 5.25
N SER A 23 -7.25 -29.17 4.46
CA SER A 23 -6.28 -28.21 4.98
C SER A 23 -5.85 -27.28 3.85
N VAL A 24 -5.30 -26.13 4.25
CA VAL A 24 -4.78 -25.13 3.29
C VAL A 24 -3.49 -24.55 3.84
N LEU A 25 -2.58 -24.22 2.93
CA LEU A 25 -1.34 -23.53 3.25
C LEU A 25 -1.38 -22.12 2.67
N ILE A 26 -1.18 -21.12 3.54
CA ILE A 26 -1.26 -19.71 3.15
C ILE A 26 0.04 -19.00 3.51
N GLY A 27 0.24 -17.87 2.86
CA GLY A 27 1.35 -17.00 3.16
C GLY A 27 0.88 -15.55 3.13
N TRP A 28 1.67 -14.68 3.77
CA TRP A 28 1.36 -13.25 3.80
C TRP A 28 2.66 -12.48 4.02
N SER A 29 2.54 -11.15 4.03
CA SER A 29 3.65 -10.24 4.22
C SER A 29 3.39 -9.35 5.44
N PRO A 30 4.42 -8.94 6.14
CA PRO A 30 4.21 -8.11 7.34
C PRO A 30 3.65 -6.74 6.97
N PRO A 31 2.98 -6.08 7.92
CA PRO A 31 2.46 -4.74 7.68
C PRO A 31 3.59 -3.72 7.59
N GLU A 32 3.30 -2.65 6.87
CA GLU A 32 4.17 -1.49 6.89
C GLU A 32 4.17 -0.88 8.30
N PRO A 33 5.32 -0.51 8.84
CA PRO A 33 5.33 0.15 10.15
C PRO A 33 4.75 1.55 10.05
N VAL A 34 4.00 1.94 11.08
CA VAL A 34 3.37 3.25 11.14
C VAL A 34 3.89 4.10 12.29
N GLY A 35 4.74 3.55 13.16
CA GLY A 35 5.29 4.26 14.29
C GLY A 35 4.64 3.90 15.60
N TYR A 36 3.34 3.58 15.59
CA TYR A 36 2.61 3.12 16.76
C TYR A 36 1.99 1.76 16.46
N ASN A 37 1.49 1.12 17.52
CA ASN A 37 0.76 -0.14 17.39
C ASN A 37 1.57 -1.17 16.59
N LEU A 38 2.87 -1.23 16.85
CA LEU A 38 3.72 -2.13 16.06
C LEU A 38 3.35 -3.58 16.33
N ILE A 39 3.51 -4.39 15.32
CA ILE A 39 2.95 -5.72 15.30
C ILE A 39 3.78 -6.67 16.15
N ASP A 40 3.09 -7.54 16.89
CA ASP A 40 3.65 -8.50 17.83
C ASP A 40 3.39 -9.94 17.45
N SER A 41 2.22 -10.26 16.92
CA SER A 41 1.94 -11.60 16.43
C SER A 41 0.79 -11.52 15.44
N TYR A 42 0.51 -12.64 14.79
CA TYR A 42 -0.56 -12.74 13.82
C TYR A 42 -1.61 -13.75 14.29
N HIS A 43 -2.86 -13.46 13.94
CA HIS A 43 -4.01 -14.31 14.22
C HIS A 43 -4.62 -14.71 12.90
N VAL A 44 -4.70 -16.02 12.65
CA VAL A 44 -5.28 -16.54 11.41
C VAL A 44 -6.69 -17.03 11.72
N TYR A 45 -7.65 -16.52 10.97
CA TYR A 45 -9.06 -16.88 11.13
C TYR A 45 -9.58 -17.61 9.90
N VAL A 46 -10.51 -18.52 10.12
CA VAL A 46 -11.27 -19.15 9.05
C VAL A 46 -12.74 -19.05 9.41
N ASP A 47 -13.52 -18.42 8.53
CA ASP A 47 -14.93 -18.09 8.79
C ASP A 47 -15.11 -17.55 10.20
N GLY A 48 -14.23 -16.63 10.59
CA GLY A 48 -14.35 -15.97 11.87
C GLY A 48 -13.78 -16.71 13.07
N VAL A 49 -13.35 -17.96 12.92
CA VAL A 49 -12.81 -18.74 14.04
C VAL A 49 -11.29 -18.68 14.01
N LEU A 50 -10.68 -18.37 15.15
CA LEU A 50 -9.22 -18.32 15.25
C LEU A 50 -8.63 -19.72 15.17
N LYS A 51 -7.66 -19.93 14.30
CA LYS A 51 -7.10 -21.25 14.04
C LYS A 51 -5.62 -21.40 14.36
N VAL A 52 -4.78 -20.41 14.05
CA VAL A 52 -3.37 -20.54 14.36
C VAL A 52 -2.80 -19.16 14.66
N THR A 53 -1.80 -19.14 15.54
CA THR A 53 -1.11 -17.93 15.95
C THR A 53 0.33 -18.08 15.51
N VAL A 54 0.80 -17.15 14.68
CA VAL A 54 2.19 -17.09 14.25
C VAL A 54 2.85 -15.91 14.95
N LYS A 55 3.99 -16.15 15.58
CA LYS A 55 4.66 -15.07 16.28
C LYS A 55 5.52 -14.25 15.32
N ALA A 56 5.98 -13.11 15.81
CA ALA A 56 6.49 -12.05 14.92
C ALA A 56 7.73 -12.52 14.17
N ASN A 57 8.60 -13.26 14.84
CA ASN A 57 9.86 -13.68 14.25
C ASN A 57 9.79 -15.04 13.58
N GLU A 58 8.59 -15.55 13.34
CA GLU A 58 8.48 -16.76 12.56
C GLU A 58 8.31 -16.39 11.08
N ARG A 59 8.31 -17.41 10.23
CA ARG A 59 8.02 -17.15 8.82
C ARG A 59 6.52 -16.90 8.71
N THR A 60 6.15 -15.97 7.84
CA THR A 60 4.76 -15.56 7.64
C THR A 60 4.03 -16.53 6.73
N ARG A 61 3.98 -17.78 7.19
CA ARG A 61 3.25 -18.83 6.52
C ARG A 61 2.45 -19.60 7.57
N ALA A 62 1.45 -20.35 7.12
CA ALA A 62 0.68 -21.14 8.05
C ALA A 62 -0.02 -22.27 7.33
N LEU A 63 -0.11 -23.42 8.02
CA LEU A 63 -0.87 -24.58 7.58
C LEU A 63 -2.10 -24.67 8.47
N ILE A 64 -3.27 -24.49 7.89
CA ILE A 64 -4.52 -24.50 8.64
C ILE A 64 -5.22 -25.84 8.45
N GLU A 65 -5.40 -26.57 9.54
CA GLU A 65 -6.12 -27.82 9.52
C GLU A 65 -7.62 -27.59 9.69
N GLY A 66 -8.39 -28.66 9.49
CA GLY A 66 -9.83 -28.62 9.59
C GLY A 66 -10.47 -27.56 8.71
N VAL A 67 -10.14 -27.57 7.41
CA VAL A 67 -10.75 -26.65 6.45
C VAL A 67 -11.21 -27.48 5.26
N ASP A 68 -12.52 -27.74 5.19
CA ASP A 68 -13.07 -28.64 4.18
C ASP A 68 -12.91 -28.05 2.79
N SER A 69 -12.50 -28.89 1.84
CA SER A 69 -12.30 -28.44 0.46
C SER A 69 -13.62 -28.23 -0.26
N THR A 70 -14.65 -29.04 0.04
CA THR A 70 -15.90 -28.98 -0.70
C THR A 70 -16.64 -27.65 -0.47
N ARG A 71 -16.49 -26.99 0.79
CA ARG A 71 -17.16 -25.75 1.16
C ARG A 71 -16.30 -24.52 0.86
N PRO A 72 -16.93 -23.40 0.55
CA PRO A 72 -16.19 -22.14 0.42
C PRO A 72 -15.84 -21.61 1.81
N HIS A 73 -14.81 -20.78 1.85
CA HIS A 73 -14.32 -20.28 3.13
C HIS A 73 -13.76 -18.87 2.97
N ARG A 74 -13.81 -18.11 4.07
CA ARG A 74 -13.15 -16.81 4.15
C ARG A 74 -11.99 -16.95 5.12
N ILE A 75 -10.79 -16.67 4.64
CA ILE A 75 -9.60 -16.68 5.47
C ILE A 75 -9.10 -15.26 5.64
N SER A 76 -8.65 -14.95 6.85
CA SER A 76 -8.24 -13.59 7.14
C SER A 76 -7.11 -13.65 8.16
N VAL A 77 -6.25 -12.63 8.15
CA VAL A 77 -5.13 -12.54 9.09
C VAL A 77 -5.14 -11.18 9.78
N ARG A 78 -4.93 -11.19 11.09
CA ARG A 78 -4.98 -9.99 11.89
C ARG A 78 -3.63 -9.77 12.56
N SER A 79 -3.17 -8.52 12.51
CA SER A 79 -2.02 -8.10 13.29
C SER A 79 -2.42 -7.96 14.74
N VAL A 80 -1.56 -8.41 15.64
CA VAL A 80 -1.80 -8.27 17.08
C VAL A 80 -0.64 -7.47 17.65
N THR A 81 -0.95 -6.43 18.41
CA THR A 81 0.05 -5.62 19.08
C THR A 81 0.32 -6.20 20.46
N GLN A 82 1.27 -5.61 21.20
CA GLN A 82 1.51 -6.09 22.56
C GLN A 82 0.33 -5.81 23.47
N ASN A 83 -0.30 -4.62 23.35
CA ASN A 83 -1.50 -4.37 24.15
C ASN A 83 -2.68 -5.25 23.73
N ARG A 84 -2.49 -6.12 22.75
CA ARG A 84 -3.48 -7.06 22.20
C ARG A 84 -4.49 -6.37 21.28
N GLN A 85 -4.22 -5.13 20.85
CA GLN A 85 -5.05 -4.52 19.83
C GLN A 85 -4.77 -5.18 18.47
N THR A 86 -5.81 -5.24 17.63
CA THR A 86 -5.72 -5.98 16.38
C THR A 86 -6.19 -5.12 15.21
N SER A 87 -5.82 -5.54 14.00
CA SER A 87 -6.39 -5.01 12.77
C SER A 87 -7.67 -5.76 12.43
N ARG A 88 -8.43 -5.21 11.47
CA ARG A 88 -9.71 -5.79 11.09
C ARG A 88 -9.54 -6.83 9.99
N ASP A 89 -10.47 -7.79 9.96
CA ASP A 89 -10.42 -8.83 8.93
C ASP A 89 -10.44 -8.23 7.53
N ALA A 90 -11.25 -7.19 7.31
CA ALA A 90 -11.46 -6.61 5.98
C ALA A 90 -10.20 -6.07 5.36
N ALA A 91 -9.14 -5.87 6.14
CA ALA A 91 -7.89 -5.39 5.58
C ALA A 91 -7.01 -6.50 5.05
N CYS A 92 -7.17 -7.72 5.53
CA CYS A 92 -6.37 -8.85 5.05
C CYS A 92 -7.27 -10.08 5.01
N THR A 93 -7.89 -10.31 3.86
CA THR A 93 -8.90 -11.35 3.76
C THR A 93 -9.01 -11.85 2.33
N MET A 94 -9.40 -13.11 2.21
CA MET A 94 -9.64 -13.71 0.90
C MET A 94 -10.60 -14.89 1.05
N ILE A 95 -11.33 -15.15 -0.02
CA ILE A 95 -12.27 -16.26 -0.06
C ILE A 95 -11.74 -17.32 -0.99
N ILE A 96 -11.84 -18.58 -0.56
CA ILE A 96 -11.40 -19.73 -1.32
C ILE A 96 -12.55 -20.72 -1.41
N GLY A 97 -12.46 -21.63 -2.37
CA GLY A 97 -13.43 -22.70 -2.55
C GLY A 97 -14.25 -22.52 -3.82
N ARG A 98 -15.04 -23.56 -4.11
CA ARG A 98 -16.04 -23.55 -5.18
C ARG A 98 -15.46 -22.97 -6.47
N ASP A 99 -15.87 -21.76 -6.81
CA ASP A 99 -15.46 -20.94 -7.94
C ASP A 99 -15.78 -19.56 -7.42
N THR A 100 -14.95 -19.13 -6.48
CA THR A 100 -15.14 -17.90 -5.75
C THR A 100 -14.28 -16.79 -6.31
N ALA A 101 -13.48 -17.08 -7.34
CA ALA A 101 -12.55 -16.10 -7.89
C ALA A 101 -13.26 -14.89 -8.45
N HIS A 102 -14.56 -14.98 -8.73
CA HIS A 102 -15.29 -13.88 -9.35
C HIS A 102 -16.21 -13.15 -8.38
N LEU A 103 -16.27 -13.58 -7.12
CA LEU A 103 -17.05 -12.87 -6.13
C LEU A 103 -16.38 -11.53 -5.82
N GLY A 104 -17.20 -10.53 -5.54
CA GLY A 104 -16.70 -9.20 -5.27
C GLY A 104 -16.98 -8.78 -3.83
N PRO A 105 -16.84 -7.48 -3.57
CA PRO A 105 -17.11 -6.97 -2.21
C PRO A 105 -18.54 -7.26 -1.74
N SER A 106 -18.72 -7.19 -0.43
CA SER A 106 -20.02 -7.37 0.21
C SER A 106 -20.11 -6.45 1.42
N ALA A 107 -21.29 -6.43 2.03
CA ALA A 107 -21.52 -5.68 3.26
C ALA A 107 -21.16 -4.21 3.11
N VAL A 108 -21.51 -3.62 1.96
CA VAL A 108 -21.26 -2.21 1.71
C VAL A 108 -22.14 -1.37 2.64
N ARG A 109 -21.53 -0.48 3.40
CA ARG A 109 -22.29 0.29 4.39
C ARG A 109 -21.88 1.76 4.34
N ALA A 110 -22.86 2.62 4.61
CA ALA A 110 -22.63 4.05 4.76
C ALA A 110 -22.79 4.41 6.22
N SER A 111 -21.87 5.22 6.74
CA SER A 111 -21.92 5.66 8.12
C SER A 111 -21.36 7.08 8.20
N HIS A 112 -21.42 7.66 9.40
CA HIS A 112 -20.96 9.03 9.63
C HIS A 112 -21.51 9.97 8.56
N ILE A 113 -22.82 9.87 8.36
CA ILE A 113 -23.48 10.62 7.29
C ILE A 113 -23.69 12.05 7.73
N THR A 114 -23.33 13.00 6.87
CA THR A 114 -23.63 14.40 7.08
C THR A 114 -24.46 14.90 5.89
N CYS A 115 -24.66 16.22 5.81
CA CYS A 115 -25.40 16.77 4.67
C CYS A 115 -24.59 16.72 3.38
N SER A 116 -23.27 16.50 3.46
CA SER A 116 -22.44 16.57 2.27
C SER A 116 -21.45 15.42 2.14
N SER A 117 -21.50 14.41 3.02
CA SER A 117 -20.46 13.40 3.02
C SER A 117 -20.93 12.16 3.75
N ALA A 118 -20.18 11.07 3.58
CA ALA A 118 -20.47 9.81 4.24
C ALA A 118 -19.19 8.97 4.23
N VAL A 119 -19.05 8.11 5.22
CA VAL A 119 -17.97 7.13 5.24
C VAL A 119 -18.53 5.84 4.68
N ILE A 120 -17.88 5.32 3.65
CA ILE A 120 -18.27 4.08 2.97
C ILE A 120 -17.29 2.98 3.37
N SER A 121 -17.82 1.89 3.89
CA SER A 121 -17.07 0.69 4.26
C SER A 121 -17.57 -0.51 3.46
N TRP A 122 -16.71 -1.52 3.34
CA TRP A 122 -17.08 -2.75 2.67
C TRP A 122 -16.18 -3.89 3.15
N LEU A 123 -16.57 -5.10 2.76
CA LEU A 123 -15.76 -6.29 2.98
C LEU A 123 -15.34 -6.81 1.62
N PRO A 124 -14.07 -6.70 1.26
CA PRO A 124 -13.64 -7.20 -0.04
C PRO A 124 -13.70 -8.71 -0.05
N ALA A 125 -13.82 -9.27 -1.27
CA ALA A 125 -13.65 -10.70 -1.44
C ALA A 125 -12.18 -11.10 -1.42
N ASN A 126 -11.30 -10.19 -1.84
CA ASN A 126 -9.85 -10.42 -1.77
C ASN A 126 -9.19 -9.06 -1.59
N SER A 127 -8.50 -8.89 -0.47
CA SER A 127 -8.03 -7.55 -0.12
C SER A 127 -6.72 -7.19 -0.79
N ASN A 128 -6.25 -8.01 -1.73
CA ASN A 128 -5.14 -7.65 -2.60
C ASN A 128 -5.57 -6.78 -3.78
N HIS A 129 -6.88 -6.63 -4.01
CA HIS A 129 -7.39 -5.89 -5.15
C HIS A 129 -7.59 -4.42 -4.82
N GLN A 130 -7.39 -3.59 -5.83
CA GLN A 130 -7.91 -2.23 -5.74
C GLN A 130 -9.43 -2.26 -5.82
N HIS A 131 -10.06 -1.27 -5.20
CA HIS A 131 -11.50 -1.17 -5.24
C HIS A 131 -11.91 0.22 -5.71
N VAL A 132 -13.04 0.27 -6.41
CA VAL A 132 -13.56 1.49 -7.01
C VAL A 132 -14.88 1.82 -6.34
N VAL A 133 -14.98 3.03 -5.80
CA VAL A 133 -16.20 3.51 -5.16
C VAL A 133 -16.99 4.33 -6.18
N CYS A 134 -18.27 4.01 -6.33
CA CYS A 134 -19.15 4.62 -7.31
C CYS A 134 -20.37 5.17 -6.58
N VAL A 135 -20.68 6.44 -6.82
CA VAL A 135 -21.86 7.08 -6.25
C VAL A 135 -22.79 7.39 -7.41
N ASN A 136 -24.01 6.87 -7.36
CA ASN A 136 -25.00 7.12 -8.40
C ASN A 136 -24.41 6.87 -9.80
N ASN A 137 -23.61 5.81 -9.90
CA ASN A 137 -22.96 5.37 -11.13
C ASN A 137 -21.86 6.32 -11.58
N VAL A 138 -21.27 7.08 -10.66
CA VAL A 138 -20.12 7.92 -10.96
C VAL A 138 -18.96 7.39 -10.16
N GLU A 139 -17.85 7.07 -10.84
CA GLU A 139 -16.63 6.68 -10.13
C GLU A 139 -16.07 7.89 -9.41
N VAL A 140 -16.00 7.83 -8.09
CA VAL A 140 -15.42 8.98 -7.39
C VAL A 140 -14.01 8.67 -6.89
N ARG A 141 -13.67 7.40 -6.62
CA ARG A 141 -12.34 7.13 -6.08
C ARG A 141 -11.93 5.68 -6.35
N THR A 142 -10.66 5.49 -6.70
CA THR A 142 -10.03 4.18 -6.71
C THR A 142 -9.13 4.05 -5.48
N VAL A 143 -9.28 2.97 -4.74
CA VAL A 143 -8.68 2.82 -3.42
C VAL A 143 -7.71 1.65 -3.43
N LYS A 144 -6.58 1.84 -2.74
CA LYS A 144 -5.49 0.90 -2.83
C LYS A 144 -5.80 -0.39 -2.07
N PRO A 145 -5.09 -1.49 -2.38
CA PRO A 145 -5.35 -2.75 -1.68
C PRO A 145 -5.14 -2.60 -0.18
N GLY A 146 -5.91 -3.38 0.59
CA GLY A 146 -5.86 -3.26 2.03
C GLY A 146 -6.77 -2.19 2.60
N MET A 147 -7.34 -1.35 1.75
CA MET A 147 -8.25 -0.30 2.20
C MET A 147 -9.68 -0.77 2.02
N TYR A 148 -10.50 -0.60 3.07
CA TYR A 148 -11.89 -1.05 3.08
C TYR A 148 -12.84 0.06 3.52
N ARG A 149 -12.37 1.29 3.61
CA ARG A 149 -13.19 2.43 3.99
C ARG A 149 -12.79 3.59 3.12
N HIS A 150 -13.74 4.47 2.84
CA HIS A 150 -13.41 5.72 2.16
C HIS A 150 -14.51 6.73 2.37
N THR A 151 -14.12 7.96 2.70
CA THR A 151 -15.07 9.06 2.83
C THR A 151 -15.39 9.64 1.46
N ILE A 152 -16.68 9.70 1.10
CA ILE A 152 -17.14 10.38 -0.10
C ILE A 152 -17.63 11.77 0.29
N THR A 153 -17.29 12.77 -0.52
CA THR A 153 -17.72 14.15 -0.34
C THR A 153 -18.45 14.63 -1.60
N GLY A 154 -18.72 15.93 -1.65
CA GLY A 154 -19.40 16.45 -2.83
C GLY A 154 -20.88 16.12 -2.92
N LEU A 155 -21.48 15.68 -1.82
CA LEU A 155 -22.90 15.36 -1.82
C LEU A 155 -23.74 16.59 -1.48
N ALA A 156 -24.98 16.54 -1.86
CA ALA A 156 -25.97 17.56 -1.57
C ALA A 156 -26.81 17.13 -0.37
N PRO A 157 -27.35 18.06 0.42
CA PRO A 157 -28.10 17.66 1.62
C PRO A 157 -29.44 17.05 1.25
N SER A 158 -29.96 16.24 2.18
CA SER A 158 -31.30 15.66 2.06
C SER A 158 -31.51 14.93 0.73
N THR A 159 -30.48 14.23 0.27
CA THR A 159 -30.47 13.63 -1.05
C THR A 159 -30.13 12.15 -0.94
N GLN A 160 -30.76 11.36 -1.80
CA GLN A 160 -30.59 9.92 -1.79
C GLN A 160 -29.42 9.52 -2.68
N TYR A 161 -28.62 8.59 -2.19
CA TYR A 161 -27.45 8.13 -2.90
C TYR A 161 -27.38 6.61 -2.85
N ARG A 162 -26.98 6.02 -3.97
CA ARG A 162 -26.65 4.60 -4.05
C ARG A 162 -25.17 4.50 -4.35
N VAL A 163 -24.41 3.84 -3.47
CA VAL A 163 -22.98 3.71 -3.67
C VAL A 163 -22.67 2.22 -3.79
N THR A 164 -21.83 1.88 -4.77
CA THR A 164 -21.37 0.53 -5.04
C THR A 164 -19.86 0.47 -4.93
N VAL A 165 -19.34 -0.73 -4.71
CA VAL A 165 -17.91 -0.98 -4.64
C VAL A 165 -17.57 -2.21 -5.48
N ARG A 166 -16.54 -2.10 -6.31
CA ARG A 166 -16.16 -3.23 -7.14
C ARG A 166 -14.62 -3.32 -7.13
N ALA A 167 -14.13 -4.55 -7.29
CA ALA A 167 -12.69 -4.80 -7.29
C ALA A 167 -12.17 -4.74 -8.72
N LYS A 168 -11.13 -3.94 -8.93
CA LYS A 168 -10.48 -3.98 -10.24
C LYS A 168 -9.49 -5.15 -10.24
N HIS A 169 -9.29 -5.75 -11.41
CA HIS A 169 -8.56 -7.01 -11.49
C HIS A 169 -7.09 -6.82 -11.14
N LEU A 170 -6.50 -7.85 -10.51
CA LEU A 170 -5.12 -7.82 -10.04
C LEU A 170 -4.17 -8.22 -11.17
N ARG A 171 -3.10 -7.46 -11.34
CA ARG A 171 -2.06 -7.74 -12.33
C ARG A 171 -0.83 -8.25 -11.58
N ALA A 172 -0.39 -9.46 -11.92
CA ALA A 172 0.72 -10.08 -11.21
C ALA A 172 1.97 -9.20 -11.28
N VAL A 173 2.82 -9.34 -10.27
CA VAL A 173 3.99 -8.48 -10.14
C VAL A 173 5.15 -8.99 -10.98
N PRO A 195 -18.45 -7.20 -10.52
CA PRO A 195 -19.31 -7.66 -9.44
C PRO A 195 -19.15 -6.86 -8.15
N GLY A 196 -20.26 -6.51 -7.51
CA GLY A 196 -20.21 -5.75 -6.28
C GLY A 196 -21.60 -5.46 -5.75
N ALA A 197 -21.65 -5.20 -4.44
CA ALA A 197 -22.87 -4.88 -3.73
C ALA A 197 -23.04 -3.37 -3.64
N TYR A 198 -24.11 -2.93 -2.97
CA TYR A 198 -24.45 -1.52 -2.91
C TYR A 198 -25.11 -1.17 -1.58
N ALA A 199 -25.14 0.13 -1.29
CA ALA A 199 -25.83 0.65 -0.12
C ALA A 199 -26.61 1.89 -0.51
N ASP A 200 -27.82 2.01 0.03
CA ASP A 200 -28.65 3.19 -0.14
C ASP A 200 -28.65 3.98 1.15
N PHE A 201 -28.50 5.30 1.04
CA PHE A 201 -28.57 6.18 2.20
C PHE A 201 -28.99 7.57 1.73
N ARG A 202 -29.32 8.43 2.69
CA ARG A 202 -29.72 9.81 2.42
C ARG A 202 -28.84 10.76 3.21
N THR A 203 -28.44 11.88 2.60
CA THR A 203 -27.67 12.84 3.37
C THR A 203 -28.56 13.57 4.36
N LEU A 204 -27.93 14.17 5.38
CA LEU A 204 -28.68 14.94 6.37
C LEU A 204 -29.18 16.25 5.78
N THR A 205 -30.06 16.92 6.51
CA THR A 205 -30.69 18.15 6.07
C THR A 205 -29.89 19.34 6.57
N LYS A 206 -29.68 20.32 5.69
CA LYS A 206 -28.80 21.45 5.97
C LYS A 206 -29.29 22.26 7.16
N GLY A 207 -30.45 22.90 7.03
CA GLY A 207 -30.87 23.84 8.06
C GLY A 207 -31.92 23.40 9.05
N LEU A 208 -32.51 22.23 8.82
CA LEU A 208 -33.61 21.81 9.65
C LEU A 208 -33.41 20.40 10.18
N PRO A 209 -34.07 20.05 11.29
CA PRO A 209 -33.85 18.73 11.88
C PRO A 209 -34.13 17.57 10.92
N ASP A 210 -33.72 16.41 11.35
CA ASP A 210 -33.84 15.22 10.52
C ASP A 210 -34.85 14.25 11.12
N PRO A 211 -35.66 13.61 10.28
CA PRO A 211 -36.68 12.71 10.79
C PRO A 211 -36.05 11.46 11.39
N PRO A 212 -36.71 10.80 12.32
CA PRO A 212 -36.19 9.55 12.86
C PRO A 212 -36.21 8.43 11.84
N GLN A 213 -35.34 7.46 12.04
CA GLN A 213 -35.26 6.29 11.19
C GLN A 213 -35.75 5.06 11.95
N GLU A 214 -35.75 3.93 11.25
CA GLU A 214 -36.13 2.62 11.80
C GLU A 214 -37.49 2.68 12.46
N ILE A 215 -38.44 3.28 11.75
CA ILE A 215 -39.82 3.33 12.22
C ILE A 215 -40.44 1.95 12.09
N GLN A 216 -41.05 1.48 13.16
CA GLN A 216 -41.82 0.24 13.10
C GLN A 216 -43.11 0.42 13.89
N LEU A 217 -44.00 -0.54 13.73
CA LEU A 217 -45.31 -0.45 14.35
C LEU A 217 -45.81 -1.85 14.67
N GLU A 218 -46.50 -1.97 15.81
CA GLU A 218 -47.15 -3.21 16.19
C GLU A 218 -48.26 -2.90 17.19
N ALA A 219 -49.13 -3.89 17.41
CA ALA A 219 -50.18 -3.75 18.41
C ALA A 219 -49.59 -3.68 19.81
N GLY A 220 -50.12 -2.76 20.63
CA GLY A 220 -49.69 -2.61 22.00
C GLY A 220 -50.16 -3.77 22.86
N PRO A 221 -49.90 -3.67 24.17
CA PRO A 221 -50.37 -4.73 25.08
C PRO A 221 -51.87 -5.01 24.99
N GLN A 222 -52.71 -3.98 25.09
CA GLN A 222 -54.16 -4.17 25.13
C GLN A 222 -54.78 -3.83 23.78
N ASP A 223 -55.95 -4.42 23.55
CA ASP A 223 -56.65 -4.22 22.29
C ASP A 223 -57.01 -2.76 22.10
N GLY A 224 -57.00 -2.32 20.84
CA GLY A 224 -57.24 -0.94 20.50
C GLY A 224 -56.09 -0.01 20.77
N THR A 225 -54.88 -0.54 20.99
CA THR A 225 -53.69 0.27 21.15
C THR A 225 -52.59 -0.26 20.23
N ILE A 226 -51.78 0.64 19.70
CA ILE A 226 -50.65 0.25 18.87
C ILE A 226 -49.40 0.91 19.42
N LEU A 227 -48.27 0.24 19.25
CA LEU A 227 -46.98 0.77 19.69
C LEU A 227 -46.09 1.08 18.50
N VAL A 228 -45.89 2.36 18.23
CA VAL A 228 -44.97 2.81 17.19
C VAL A 228 -43.64 3.13 17.86
N THR A 229 -42.55 2.70 17.23
CA THR A 229 -41.21 2.90 17.74
C THR A 229 -40.35 3.49 16.63
N TRP A 230 -39.22 4.10 17.03
CA TRP A 230 -38.31 4.73 16.10
C TRP A 230 -36.96 4.92 16.79
N GLN A 231 -35.93 5.12 15.98
CA GLN A 231 -34.59 5.36 16.50
C GLN A 231 -34.42 6.84 16.84
N PRO A 232 -34.07 7.19 18.07
CA PRO A 232 -33.81 8.60 18.40
C PRO A 232 -32.71 9.16 17.51
N VAL A 233 -32.73 10.47 17.31
CA VAL A 233 -31.89 11.09 16.30
C VAL A 233 -30.41 11.03 16.70
N ASN A 234 -30.10 11.33 17.95
CA ASN A 234 -28.73 11.34 18.45
C ASN A 234 -27.85 12.28 17.63
N PRO A 241 -29.87 20.17 18.71
CA PRO A 241 -30.79 20.76 19.70
C PRO A 241 -32.19 20.17 19.58
N VAL A 242 -32.25 18.84 19.66
CA VAL A 242 -33.48 18.08 19.50
C VAL A 242 -34.37 18.21 20.73
N THR A 243 -35.61 18.65 20.53
CA THR A 243 -36.60 18.75 21.61
C THR A 243 -37.20 17.39 21.96
N GLY A 244 -37.76 16.72 20.95
CA GLY A 244 -38.65 15.60 21.15
C GLY A 244 -39.18 15.09 19.82
N TYR A 245 -40.41 14.55 19.79
CA TYR A 245 -40.95 13.97 18.56
C TYR A 245 -42.45 14.21 18.48
N ALA A 246 -43.00 14.02 17.27
CA ALA A 246 -44.43 14.14 17.01
C ALA A 246 -44.84 13.10 15.99
N VAL A 247 -45.97 12.43 16.24
CA VAL A 247 -46.41 11.36 15.36
C VAL A 247 -47.59 11.78 14.46
N THR A 255 -49.58 11.71 21.28
CA THR A 255 -49.53 12.32 19.96
C THR A 255 -48.30 13.22 19.81
N ASP A 256 -47.81 13.74 20.94
CA ASP A 256 -46.56 14.48 21.00
C ASP A 256 -45.69 13.93 22.11
N ILE A 257 -44.42 13.69 21.81
CA ILE A 257 -43.43 13.26 22.80
C ILE A 257 -42.40 14.35 22.95
N ASN A 258 -42.25 14.86 24.17
CA ASN A 258 -41.40 16.01 24.40
C ASN A 258 -40.15 15.65 25.18
N SER A 259 -39.60 14.45 24.93
CA SER A 259 -38.24 14.13 25.35
C SER A 259 -37.38 13.81 24.14
N PRO A 260 -36.17 14.35 24.06
CA PRO A 260 -35.31 14.06 22.89
C PRO A 260 -34.90 12.61 22.78
N THR A 261 -34.91 11.86 23.87
CA THR A 261 -34.52 10.46 23.87
C THR A 261 -35.67 9.49 23.66
N GLY A 262 -36.91 9.98 23.64
CA GLY A 262 -38.04 9.08 23.48
C GLY A 262 -37.94 8.30 22.17
N ASP A 263 -38.30 7.01 22.25
CA ASP A 263 -38.20 6.15 21.08
C ASP A 263 -39.51 5.43 20.78
N HIS A 264 -40.61 5.82 21.43
CA HIS A 264 -41.85 5.11 21.19
C HIS A 264 -43.03 5.95 21.63
N ALA A 265 -44.19 5.58 21.10
CA ALA A 265 -45.46 6.15 21.51
C ALA A 265 -46.50 5.05 21.47
N LEU A 266 -47.37 5.02 22.47
CA LEU A 266 -48.49 4.07 22.53
C LEU A 266 -49.79 4.85 22.70
N ILE A 267 -50.66 4.78 21.70
CA ILE A 267 -51.90 5.57 21.69
C ILE A 267 -53.09 4.62 21.77
N ASP A 268 -54.16 5.09 22.40
CA ASP A 268 -55.44 4.40 22.37
C ASP A 268 -56.24 4.99 21.22
N ILE A 269 -56.55 4.16 20.22
CA ILE A 269 -57.28 4.65 19.04
C ILE A 269 -58.59 5.32 19.41
N GLY A 270 -59.25 4.86 20.47
CA GLY A 270 -60.54 5.44 20.82
C GLY A 270 -60.41 6.87 21.32
N LYS A 271 -59.54 7.09 22.30
CA LYS A 271 -59.40 8.41 22.92
C LYS A 271 -58.36 9.27 22.19
N ALA A 279 -50.27 3.31 9.11
CA ALA A 279 -49.30 3.85 8.16
C ALA A 279 -49.17 5.39 8.28
N VAL A 280 -48.68 5.86 9.42
CA VAL A 280 -48.48 7.27 9.73
C VAL A 280 -46.97 7.51 9.90
N THR A 281 -46.56 8.78 9.87
CA THR A 281 -45.19 9.25 9.95
C THR A 281 -44.89 9.93 11.29
N ILE A 282 -43.58 10.08 11.58
CA ILE A 282 -43.08 10.79 12.76
C ILE A 282 -42.21 11.97 12.32
N ARG A 283 -42.28 13.04 13.10
CA ARG A 283 -41.49 14.24 12.87
C ARG A 283 -40.58 14.52 14.05
N THR A 284 -39.32 14.85 13.77
CA THR A 284 -38.44 15.35 14.82
C THR A 284 -38.72 16.83 15.05
N LYS A 285 -38.91 17.19 16.32
CA LYS A 285 -39.15 18.56 16.74
C LYS A 285 -37.83 19.09 17.29
N SER A 286 -37.55 20.37 17.04
CA SER A 286 -36.35 20.97 17.61
C SER A 286 -36.68 22.39 18.05
N ARG A 287 -35.62 23.16 18.33
CA ARG A 287 -35.74 24.31 19.22
C ARG A 287 -36.72 25.35 18.68
N ASP A 288 -36.81 25.53 17.36
CA ASP A 288 -37.82 26.41 16.79
C ASP A 288 -38.57 25.79 15.61
N SER A 289 -38.42 24.51 15.31
CA SER A 289 -39.03 23.96 14.10
C SER A 289 -39.13 22.43 14.21
N GLN A 290 -39.80 21.83 13.24
CA GLN A 290 -40.03 20.41 13.12
C GLN A 290 -39.47 19.96 11.76
N SER A 291 -38.73 18.85 11.77
CA SER A 291 -38.17 18.18 10.61
C SER A 291 -39.22 17.79 9.57
N ALA A 292 -38.78 17.46 8.36
CA ALA A 292 -39.65 16.79 7.41
C ALA A 292 -40.05 15.40 7.94
N ASP A 293 -41.05 14.82 7.28
CA ASP A 293 -41.57 13.53 7.71
C ASP A 293 -40.65 12.38 7.29
N SER A 294 -40.58 11.37 8.16
CA SER A 294 -39.77 10.19 7.92
C SER A 294 -40.43 9.28 6.88
N ALA A 295 -39.80 8.11 6.68
CA ALA A 295 -40.34 7.11 5.78
C ALA A 295 -41.56 6.43 6.39
N PRO A 296 -42.68 6.35 5.67
CA PRO A 296 -43.85 5.65 6.21
C PRO A 296 -43.61 4.15 6.30
N ILE A 297 -44.33 3.50 7.23
CA ILE A 297 -44.23 2.06 7.41
C ILE A 297 -45.61 1.41 7.33
N LEU B 3 27.48 13.17 -14.64
CA LEU B 3 26.58 12.89 -13.52
C LEU B 3 27.38 12.69 -12.23
N GLY B 4 26.67 12.55 -11.11
CA GLY B 4 27.35 12.40 -9.83
C GLY B 4 28.20 11.15 -9.76
N SER B 5 29.19 11.19 -8.88
CA SER B 5 30.10 10.07 -8.66
C SER B 5 30.43 9.96 -7.18
N ASP B 6 30.55 8.72 -6.70
CA ASP B 6 30.91 8.46 -5.32
C ASP B 6 32.37 8.79 -5.02
N ASN B 7 33.23 8.81 -6.05
CA ASN B 7 34.67 8.99 -5.83
C ASN B 7 35.02 10.34 -5.21
N VAL B 8 34.40 11.44 -5.67
CA VAL B 8 34.58 12.73 -4.96
C VAL B 8 34.07 12.86 -3.54
N PRO B 9 35.00 13.19 -2.65
CA PRO B 9 34.65 13.66 -1.32
C PRO B 9 33.66 14.81 -1.43
N ALA B 10 32.77 14.89 -0.47
CA ALA B 10 31.68 15.80 -0.54
C ALA B 10 31.83 16.85 0.54
N PRO B 11 31.17 18.00 0.40
CA PRO B 11 31.25 19.01 1.45
C PRO B 11 30.69 18.46 2.75
N LYS B 12 31.09 19.10 3.85
CA LYS B 12 30.68 18.70 5.18
C LYS B 12 30.01 19.88 5.88
N HIS B 13 29.33 19.57 6.99
CA HIS B 13 28.83 20.59 7.90
C HIS B 13 27.96 21.62 7.17
N LEU B 14 27.13 21.14 6.25
CA LEU B 14 26.13 21.98 5.63
C LEU B 14 25.17 22.53 6.69
N THR B 15 25.02 23.84 6.74
CA THR B 15 24.20 24.47 7.77
C THR B 15 23.33 25.56 7.17
N LEU B 16 22.09 25.65 7.65
CA LEU B 16 21.24 26.81 7.40
C LEU B 16 21.57 27.85 8.48
N GLU B 17 22.17 28.97 8.07
CA GLU B 17 22.60 29.96 9.04
C GLU B 17 21.50 30.99 9.31
N ARG B 18 20.77 31.40 8.28
CA ARG B 18 19.60 32.25 8.46
C ARG B 18 18.57 31.91 7.40
N GLN B 19 17.30 32.10 7.77
CA GLN B 19 16.17 31.94 6.88
C GLN B 19 15.41 33.26 6.81
N LEU B 20 15.22 33.77 5.60
CA LEU B 20 14.45 34.97 5.36
C LEU B 20 13.21 34.57 4.55
N ASN B 21 12.29 35.52 4.35
CA ASN B 21 10.96 35.10 3.89
C ASN B 21 11.04 34.43 2.51
N LYS B 22 11.85 34.95 1.60
CA LYS B 22 12.06 34.26 0.33
C LYS B 22 13.53 34.00 0.03
N SER B 23 14.38 33.82 1.03
CA SER B 23 15.77 33.53 0.75
C SER B 23 16.41 32.81 1.93
N VAL B 24 17.53 32.16 1.63
CA VAL B 24 18.27 31.37 2.61
C VAL B 24 19.75 31.69 2.50
N LEU B 25 20.43 31.72 3.63
CA LEU B 25 21.89 31.85 3.65
C LEU B 25 22.44 30.59 4.29
N ILE B 26 23.29 29.87 3.56
CA ILE B 26 23.80 28.57 3.99
C ILE B 26 25.32 28.59 4.00
N GLY B 27 25.88 27.69 4.79
CA GLY B 27 27.31 27.50 4.84
C GLY B 27 27.66 26.02 4.89
N TRP B 28 28.89 25.72 4.51
CA TRP B 28 29.39 24.36 4.49
C TRP B 28 30.90 24.39 4.64
N SER B 29 31.50 23.21 4.70
CA SER B 29 32.94 23.08 4.83
C SER B 29 33.51 22.26 3.69
N PRO B 30 34.73 22.56 3.25
CA PRO B 30 35.35 21.78 2.15
C PRO B 30 35.64 20.36 2.62
N PRO B 31 35.77 19.40 1.69
CA PRO B 31 36.07 17.99 2.06
C PRO B 31 37.50 17.75 2.51
N GLU B 32 37.70 16.70 3.39
CA GLU B 32 39.14 16.51 3.60
C GLU B 32 39.46 15.53 2.51
N PRO B 33 40.44 15.79 1.58
CA PRO B 33 40.67 14.70 0.58
C PRO B 33 41.49 13.62 1.21
N LEU B 38 41.06 17.33 -6.22
CA LEU B 38 41.35 18.60 -6.89
C LEU B 38 40.08 19.40 -7.19
N ILE B 39 39.57 20.12 -6.18
CA ILE B 39 38.27 20.79 -6.26
C ILE B 39 38.39 22.11 -7.00
N ASP B 40 37.38 22.44 -7.80
CA ASP B 40 37.38 23.69 -8.56
C ASP B 40 36.26 24.64 -8.18
N SER B 41 35.06 24.14 -7.88
CA SER B 41 33.96 24.98 -7.46
C SER B 41 32.93 24.12 -6.74
N TYR B 42 31.90 24.78 -6.22
CA TYR B 42 30.78 24.12 -5.55
C TYR B 42 29.50 24.45 -6.30
N HIS B 43 28.58 23.49 -6.30
CA HIS B 43 27.28 23.67 -6.94
C HIS B 43 26.20 23.56 -5.88
N VAL B 44 25.39 24.60 -5.73
CA VAL B 44 24.31 24.62 -4.76
C VAL B 44 22.99 24.36 -5.48
N TYR B 45 22.28 23.34 -5.04
CA TYR B 45 20.99 23.00 -5.58
C TYR B 45 19.93 23.18 -4.50
N VAL B 46 18.74 23.57 -4.92
CA VAL B 46 17.58 23.57 -4.06
C VAL B 46 16.47 22.89 -4.85
N ASP B 47 15.89 21.84 -4.26
CA ASP B 47 14.94 20.96 -4.96
C ASP B 47 15.46 20.53 -6.33
N GLY B 48 16.74 20.16 -6.38
CA GLY B 48 17.34 19.62 -7.60
C GLY B 48 17.81 20.65 -8.63
N VAL B 49 17.44 21.92 -8.50
CA VAL B 49 17.80 22.93 -9.51
C VAL B 49 19.03 23.69 -9.06
N LEU B 50 19.98 23.88 -9.98
CA LEU B 50 21.19 24.62 -9.65
C LEU B 50 20.85 26.09 -9.42
N LYS B 51 21.28 26.62 -8.29
CA LYS B 51 20.90 27.97 -7.88
C LYS B 51 22.07 28.94 -7.80
N VAL B 52 23.23 28.50 -7.33
CA VAL B 52 24.40 29.37 -7.29
C VAL B 52 25.66 28.52 -7.40
N THR B 53 26.68 29.09 -8.03
CA THR B 53 27.98 28.46 -8.20
C THR B 53 29.01 29.27 -7.44
N VAL B 54 29.65 28.63 -6.46
CA VAL B 54 30.72 29.23 -5.67
C VAL B 54 32.00 28.56 -6.12
N LYS B 55 32.98 29.34 -6.57
CA LYS B 55 34.22 28.70 -6.98
C LYS B 55 35.14 28.51 -5.79
N ALA B 56 36.25 27.79 -6.02
CA ALA B 56 36.96 27.13 -4.93
C ALA B 56 37.50 28.12 -3.90
N ASN B 57 37.96 29.29 -4.33
CA ASN B 57 38.65 30.22 -3.43
C ASN B 57 37.72 31.24 -2.78
N GLU B 58 36.42 30.97 -2.73
CA GLU B 58 35.48 31.85 -2.03
C GLU B 58 35.36 31.45 -0.57
N ARG B 59 34.56 32.22 0.18
CA ARG B 59 34.30 32.04 1.61
C ARG B 59 33.34 30.84 1.93
N THR B 60 33.13 29.90 1.00
CA THR B 60 32.28 28.71 1.17
C THR B 60 30.96 29.02 1.90
N ARG B 61 30.26 30.04 1.43
CA ARG B 61 28.94 30.43 1.88
C ARG B 61 28.13 30.82 0.66
N ALA B 62 26.82 30.96 0.82
CA ALA B 62 25.99 31.41 -0.29
C ALA B 62 24.67 31.95 0.22
N LEU B 63 24.18 32.97 -0.47
CA LEU B 63 22.86 33.53 -0.25
C LEU B 63 22.01 33.14 -1.44
N ILE B 64 21.03 32.26 -1.21
CA ILE B 64 20.18 31.75 -2.28
C ILE B 64 18.86 32.52 -2.23
N GLU B 65 18.57 33.27 -3.28
CA GLU B 65 17.32 33.99 -3.38
C GLU B 65 16.23 33.11 -4.00
N GLY B 66 15.00 33.61 -3.97
CA GLY B 66 13.85 32.90 -4.50
C GLY B 66 13.63 31.52 -3.90
N VAL B 67 13.58 31.42 -2.58
CA VAL B 67 13.31 30.17 -1.88
C VAL B 67 12.20 30.42 -0.86
N ASP B 68 11.01 29.90 -1.14
CA ASP B 68 9.79 30.17 -0.37
C ASP B 68 9.90 29.64 1.06
N SER B 69 9.46 30.46 2.02
CA SER B 69 9.52 30.08 3.43
C SER B 69 8.45 29.06 3.81
N THR B 70 7.25 29.17 3.23
CA THR B 70 6.15 28.33 3.70
C THR B 70 6.35 26.87 3.33
N ARG B 71 6.90 26.61 2.21
CA ARG B 71 7.02 25.22 1.81
C ARG B 71 8.38 24.65 2.22
N PRO B 72 8.46 23.35 2.46
CA PRO B 72 9.77 22.73 2.76
C PRO B 72 10.62 22.62 1.50
N HIS B 73 11.93 22.52 1.72
CA HIS B 73 12.88 22.48 0.61
C HIS B 73 14.05 21.58 0.98
N ARG B 74 14.68 21.03 -0.04
CA ARG B 74 15.91 20.28 0.13
C ARG B 74 17.06 21.02 -0.52
N ILE B 75 18.09 21.32 0.26
CA ILE B 75 19.29 22.00 -0.21
C ILE B 75 20.44 20.99 -0.31
N SER B 76 21.27 21.15 -1.33
CA SER B 76 22.37 20.23 -1.58
C SER B 76 23.56 20.99 -2.16
N VAL B 77 24.76 20.52 -1.85
CA VAL B 77 25.97 21.10 -2.38
C VAL B 77 26.86 19.98 -2.90
N ARG B 78 27.43 20.17 -4.09
CA ARG B 78 28.28 19.18 -4.74
C ARG B 78 29.68 19.74 -4.95
N SER B 79 30.69 18.93 -4.67
CA SER B 79 32.06 19.27 -5.04
C SER B 79 32.26 19.11 -6.54
N VAL B 80 33.02 20.02 -7.13
CA VAL B 80 33.35 19.96 -8.56
C VAL B 80 34.87 19.90 -8.72
N THR B 81 35.33 18.93 -9.49
CA THR B 81 36.75 18.72 -9.76
C THR B 81 37.20 19.51 -10.97
N GLN B 82 38.49 19.41 -11.28
CA GLN B 82 38.99 19.92 -12.54
C GLN B 82 38.41 19.12 -13.71
N ASN B 83 38.32 17.80 -13.53
CA ASN B 83 37.70 16.93 -14.50
C ASN B 83 36.20 17.19 -14.64
N ARG B 84 35.65 18.07 -13.80
CA ARG B 84 34.26 18.52 -13.76
C ARG B 84 33.31 17.45 -13.24
N GLN B 85 33.81 16.29 -12.84
CA GLN B 85 32.94 15.32 -12.19
C GLN B 85 32.66 15.75 -10.74
N THR B 86 31.51 15.34 -10.24
CA THR B 86 30.97 15.88 -8.99
C THR B 86 30.65 14.76 -8.00
N SER B 87 30.45 15.15 -6.74
CA SER B 87 29.89 14.27 -5.74
C SER B 87 28.36 14.29 -5.84
N ARG B 88 27.73 13.34 -5.16
CA ARG B 88 26.29 13.17 -5.22
C ARG B 88 25.59 13.99 -4.15
N ASP B 89 24.33 14.37 -4.43
CA ASP B 89 23.55 15.17 -3.50
C ASP B 89 23.43 14.51 -2.14
N ALA B 90 23.26 13.18 -2.10
CA ALA B 90 22.99 12.47 -0.85
C ALA B 90 24.13 12.57 0.16
N ALA B 91 25.31 13.01 -0.26
CA ALA B 91 26.42 13.13 0.66
C ALA B 91 26.45 14.47 1.38
N CYS B 92 25.80 15.50 0.83
CA CYS B 92 25.76 16.83 1.46
C CYS B 92 24.40 17.46 1.15
N THR B 93 23.43 17.24 2.03
CA THR B 93 22.05 17.63 1.79
C THR B 93 21.33 17.81 3.13
N MET B 94 20.34 18.69 3.12
CA MET B 94 19.53 18.94 4.30
C MET B 94 18.16 19.44 3.85
N ILE B 95 17.15 19.19 4.68
CA ILE B 95 15.79 19.64 4.40
C ILE B 95 15.47 20.77 5.36
N ILE B 96 14.89 21.84 4.83
CA ILE B 96 14.63 23.06 5.57
C ILE B 96 13.16 23.39 5.47
N GLY B 97 12.71 24.23 6.38
CA GLY B 97 11.33 24.66 6.47
C GLY B 97 10.68 24.22 7.77
N ARG B 98 9.48 24.72 8.00
CA ARG B 98 8.72 24.32 9.16
C ARG B 98 8.18 22.91 9.01
N ASP B 99 8.06 22.23 10.15
CA ASP B 99 7.57 20.86 10.24
C ASP B 99 8.51 19.88 9.55
N THR B 100 9.80 20.22 9.46
CA THR B 100 10.80 19.36 8.86
C THR B 100 11.81 18.81 9.86
N ALA B 101 11.79 19.29 11.10
CA ALA B 101 12.83 18.93 12.07
C ALA B 101 12.82 17.45 12.43
N HIS B 102 11.74 16.74 12.14
CA HIS B 102 11.56 15.36 12.56
C HIS B 102 11.74 14.36 11.44
N LEU B 103 11.99 14.80 10.23
CA LEU B 103 12.13 13.87 9.11
C LEU B 103 13.42 13.06 9.23
N GLY B 104 13.36 11.82 8.77
CA GLY B 104 14.50 10.95 8.77
C GLY B 104 14.83 10.60 7.34
N PRO B 105 15.67 9.57 7.15
CA PRO B 105 16.03 9.15 5.80
C PRO B 105 14.82 8.75 4.99
N SER B 106 14.99 8.75 3.68
CA SER B 106 13.95 8.35 2.75
C SER B 106 14.60 7.58 1.61
N ALA B 107 13.77 7.03 0.73
CA ALA B 107 14.21 6.29 -0.44
C ALA B 107 15.20 5.18 -0.08
N VAL B 108 14.93 4.49 1.02
CA VAL B 108 15.80 3.40 1.46
C VAL B 108 15.64 2.21 0.52
N ARG B 109 16.73 1.79 -0.10
CA ARG B 109 16.64 0.73 -1.11
C ARG B 109 17.76 -0.27 -0.94
N ALA B 110 17.46 -1.50 -1.33
CA ALA B 110 18.41 -2.59 -1.36
C ALA B 110 18.77 -2.91 -2.81
N SER B 111 20.05 -3.11 -3.07
CA SER B 111 20.49 -3.48 -4.40
C SER B 111 21.68 -4.43 -4.26
N HIS B 112 22.13 -4.96 -5.39
CA HIS B 112 23.23 -5.93 -5.42
C HIS B 112 23.02 -7.04 -4.39
N ILE B 113 21.83 -7.63 -4.41
CA ILE B 113 21.47 -8.65 -3.42
C ILE B 113 22.11 -9.95 -3.83
N THR B 114 22.76 -10.61 -2.88
CA THR B 114 23.38 -11.92 -3.08
C THR B 114 22.74 -12.92 -2.12
N CYS B 115 23.37 -14.08 -1.98
CA CYS B 115 22.90 -15.05 -0.99
C CYS B 115 23.21 -14.63 0.44
N SER B 116 24.15 -13.71 0.66
CA SER B 116 24.56 -13.39 2.02
C SER B 116 24.72 -11.91 2.30
N SER B 117 24.34 -11.02 1.38
CA SER B 117 24.63 -9.60 1.54
C SER B 117 23.72 -8.77 0.64
N ALA B 118 23.71 -7.46 0.92
CA ALA B 118 22.98 -6.49 0.11
C ALA B 118 23.57 -5.11 0.35
N VAL B 119 23.53 -4.28 -0.69
CA VAL B 119 23.92 -2.87 -0.57
C VAL B 119 22.68 -2.06 -0.25
N ILE B 120 22.74 -1.30 0.84
CA ILE B 120 21.65 -0.46 1.32
C ILE B 120 22.04 0.99 1.05
N SER B 121 21.16 1.72 0.37
CA SER B 121 21.32 3.14 0.06
C SER B 121 20.15 3.93 0.64
N TRP B 122 20.38 5.22 0.87
CA TRP B 122 19.28 6.05 1.33
C TRP B 122 19.59 7.51 1.01
N LEU B 123 18.56 8.35 1.16
CA LEU B 123 18.69 9.79 1.05
C LEU B 123 18.40 10.39 2.43
N PRO B 124 19.39 10.90 3.14
CA PRO B 124 19.12 11.43 4.48
C PRO B 124 18.29 12.70 4.41
N ALA B 125 17.62 12.99 5.53
CA ALA B 125 17.04 14.30 5.72
C ALA B 125 18.11 15.32 6.07
N ASN B 126 19.20 14.90 6.70
CA ASN B 126 20.32 15.79 6.99
C ASN B 126 21.61 14.99 7.02
N SER B 127 22.52 15.29 6.12
CA SER B 127 23.69 14.44 5.97
C SER B 127 24.81 14.79 6.95
N ASN B 128 24.55 15.65 7.92
CA ASN B 128 25.43 15.85 9.06
C ASN B 128 25.23 14.82 10.17
N HIS B 129 24.15 14.03 10.10
CA HIS B 129 23.84 13.05 11.14
C HIS B 129 24.51 11.72 10.86
N GLN B 130 24.87 11.04 11.93
CA GLN B 130 25.15 9.62 11.80
C GLN B 130 23.84 8.89 11.56
N HIS B 131 23.94 7.74 10.89
CA HIS B 131 22.79 6.89 10.65
C HIS B 131 23.12 5.47 11.09
N VAL B 132 22.10 4.76 11.57
CA VAL B 132 22.27 3.39 12.04
C VAL B 132 21.41 2.49 11.17
N VAL B 133 22.02 1.43 10.63
CA VAL B 133 21.32 0.49 9.76
C VAL B 133 20.87 -0.70 10.60
N CYS B 134 19.58 -1.05 10.47
CA CYS B 134 18.97 -2.12 11.24
C CYS B 134 18.41 -3.15 10.27
N VAL B 135 18.77 -4.41 10.49
CA VAL B 135 18.23 -5.52 9.73
C VAL B 135 17.41 -6.35 10.70
N ASN B 136 16.12 -6.53 10.38
CA ASN B 136 15.21 -7.31 11.23
C ASN B 136 15.27 -6.85 12.70
N ASN B 137 15.37 -5.53 12.90
CA ASN B 137 15.43 -4.89 14.22
C ASN B 137 16.72 -5.19 14.98
N VAL B 138 17.80 -5.47 14.25
CA VAL B 138 19.13 -5.61 14.84
C VAL B 138 19.99 -4.52 14.24
N GLU B 139 20.58 -3.68 15.09
CA GLU B 139 21.54 -2.69 14.60
C GLU B 139 22.83 -3.40 14.18
N VAL B 140 23.18 -3.29 12.91
CA VAL B 140 24.40 -3.88 12.40
C VAL B 140 25.50 -2.86 12.13
N ARG B 141 25.17 -1.58 11.96
CA ARG B 141 26.21 -0.61 11.67
C ARG B 141 25.74 0.81 11.97
N THR B 142 26.63 1.58 12.58
CA THR B 142 26.50 3.02 12.67
C THR B 142 27.43 3.65 11.64
N VAL B 143 26.90 4.58 10.87
CA VAL B 143 27.57 5.09 9.69
C VAL B 143 27.83 6.57 9.87
N LYS B 144 29.02 7.03 9.47
CA LYS B 144 29.45 8.37 9.76
C LYS B 144 28.72 9.39 8.86
N PRO B 145 28.73 10.66 9.24
CA PRO B 145 28.06 11.68 8.41
C PRO B 145 28.61 11.74 7.00
N GLY B 146 27.73 12.11 6.06
CA GLY B 146 28.09 12.19 4.66
C GLY B 146 28.01 10.89 3.92
N MET B 147 27.84 9.76 4.62
CA MET B 147 27.75 8.46 3.99
C MET B 147 26.29 8.03 3.85
N TYR B 148 25.93 7.53 2.67
CA TYR B 148 24.56 7.16 2.35
C TYR B 148 24.46 5.74 1.78
N ARG B 149 25.51 4.94 1.89
CA ARG B 149 25.51 3.56 1.42
C ARG B 149 26.22 2.68 2.44
N HIS B 150 25.78 1.42 2.54
CA HIS B 150 26.48 0.45 3.37
C HIS B 150 26.10 -0.97 2.94
N THR B 151 27.12 -1.81 2.75
CA THR B 151 26.89 -3.22 2.44
C THR B 151 26.64 -3.97 3.76
N ILE B 152 25.51 -4.65 3.85
CA ILE B 152 25.22 -5.50 5.02
C ILE B 152 25.60 -6.92 4.66
N THR B 153 26.25 -7.60 5.58
CA THR B 153 26.65 -8.99 5.39
C THR B 153 26.05 -9.84 6.49
N GLY B 154 26.47 -11.11 6.54
CA GLY B 154 25.99 -12.01 7.57
C GLY B 154 24.57 -12.51 7.36
N LEU B 155 24.02 -12.33 6.16
CA LEU B 155 22.67 -12.82 5.92
C LEU B 155 22.67 -14.27 5.42
N ALA B 156 21.54 -14.95 5.64
CA ALA B 156 21.32 -16.31 5.20
C ALA B 156 20.55 -16.32 3.87
N PRO B 157 20.77 -17.34 3.05
CA PRO B 157 20.14 -17.38 1.72
C PRO B 157 18.65 -17.65 1.82
N SER B 158 17.95 -17.33 0.72
CA SER B 158 16.52 -17.63 0.57
C SER B 158 15.71 -17.10 1.76
N THR B 159 16.09 -15.92 2.26
CA THR B 159 15.57 -15.40 3.51
C THR B 159 15.10 -13.96 3.34
N GLN B 160 14.01 -13.64 4.06
CA GLN B 160 13.35 -12.35 4.00
C GLN B 160 13.96 -11.40 5.02
N TYR B 161 14.16 -10.15 4.61
CA TYR B 161 14.79 -9.16 5.47
C TYR B 161 14.07 -7.82 5.34
N ARG B 162 13.94 -7.12 6.47
CA ARG B 162 13.48 -5.75 6.50
C ARG B 162 14.63 -4.89 6.99
N VAL B 163 15.01 -3.87 6.22
CA VAL B 163 16.09 -2.98 6.61
C VAL B 163 15.55 -1.56 6.79
N THR B 164 15.93 -0.94 7.92
CA THR B 164 15.58 0.43 8.23
C THR B 164 16.86 1.24 8.43
N VAL B 165 16.73 2.54 8.23
CA VAL B 165 17.79 3.51 8.43
C VAL B 165 17.18 4.67 9.20
N ARG B 166 17.85 5.07 10.28
CA ARG B 166 17.37 6.17 11.10
C ARG B 166 18.56 7.06 11.47
N ALA B 167 18.25 8.30 11.80
CA ALA B 167 19.28 9.25 12.16
C ALA B 167 19.60 9.06 13.64
N LYS B 168 20.89 8.93 13.96
CA LYS B 168 21.26 8.67 15.35
C LYS B 168 21.12 9.90 16.22
N HIS B 169 21.32 11.09 15.66
CA HIS B 169 21.42 12.27 16.49
C HIS B 169 20.10 12.61 17.18
N ALA B 197 11.65 4.85 4.55
CA ALA B 197 12.28 4.60 5.84
C ALA B 197 12.77 3.15 5.96
N TYR B 198 12.26 2.28 5.08
CA TYR B 198 12.57 0.86 5.14
C TYR B 198 12.60 0.27 3.74
N ALA B 199 13.22 -0.90 3.64
CA ALA B 199 13.21 -1.70 2.42
C ALA B 199 13.04 -3.17 2.80
N ASP B 200 12.19 -3.86 2.05
CA ASP B 200 11.96 -5.27 2.22
C ASP B 200 12.63 -6.01 1.06
N PHE B 201 13.36 -7.08 1.36
CA PHE B 201 13.96 -7.84 0.28
C PHE B 201 14.25 -9.26 0.75
N ARG B 202 14.52 -10.13 -0.20
CA ARG B 202 14.83 -11.53 0.03
CA ARG B 202 14.83 -11.53 0.03
C ARG B 202 16.21 -11.84 -0.52
N THR B 203 17.01 -12.59 0.24
CA THR B 203 18.29 -13.00 -0.33
C THR B 203 18.09 -14.04 -1.41
N LEU B 204 19.08 -14.14 -2.29
CA LEU B 204 19.00 -15.10 -3.39
C LEU B 204 19.22 -16.52 -2.89
N THR B 205 18.84 -17.48 -3.73
CA THR B 205 19.12 -18.89 -3.49
C THR B 205 20.23 -19.31 -4.44
N LYS B 206 21.28 -19.92 -3.91
CA LYS B 206 22.41 -20.31 -4.75
C LYS B 206 22.02 -21.41 -5.74
N GLY B 207 22.40 -21.24 -7.00
CA GLY B 207 22.10 -22.22 -8.03
C GLY B 207 20.70 -22.22 -8.60
N LEU B 208 19.76 -21.45 -8.03
CA LEU B 208 18.35 -21.52 -8.43
C LEU B 208 17.87 -20.14 -8.84
N PRO B 209 18.10 -19.74 -10.09
CA PRO B 209 17.68 -18.41 -10.53
C PRO B 209 16.17 -18.27 -10.48
N ASP B 210 15.73 -17.04 -10.68
CA ASP B 210 14.36 -16.57 -10.64
C ASP B 210 13.91 -16.16 -12.03
N PRO B 211 12.62 -16.33 -12.36
CA PRO B 211 12.16 -16.04 -13.71
C PRO B 211 12.28 -14.52 -14.00
N PRO B 212 12.42 -14.16 -15.26
CA PRO B 212 12.46 -12.72 -15.59
C PRO B 212 11.12 -12.07 -15.33
N GLN B 213 11.15 -10.75 -15.17
CA GLN B 213 9.93 -9.97 -15.00
C GLN B 213 9.65 -9.16 -16.25
N GLU B 214 8.55 -8.42 -16.20
CA GLU B 214 8.14 -7.53 -17.29
C GLU B 214 8.01 -8.31 -18.59
N ILE B 215 7.31 -9.43 -18.52
CA ILE B 215 6.99 -10.21 -19.72
C ILE B 215 5.87 -9.49 -20.46
N GLN B 216 6.08 -9.25 -21.75
CA GLN B 216 4.99 -8.82 -22.60
C GLN B 216 5.16 -9.52 -23.94
N LEU B 217 4.17 -9.38 -24.79
CA LEU B 217 4.20 -10.05 -26.07
C LEU B 217 3.38 -9.24 -27.05
N GLU B 218 3.77 -9.28 -28.32
CA GLU B 218 2.99 -8.65 -29.37
C GLU B 218 3.24 -9.41 -30.67
N ALA B 219 2.39 -9.11 -31.66
CA ALA B 219 2.55 -9.75 -32.96
C ALA B 219 3.89 -9.35 -33.57
N GLY B 220 4.58 -10.33 -34.14
CA GLY B 220 5.84 -10.06 -34.78
C GLY B 220 5.65 -9.25 -36.04
N PRO B 221 6.76 -8.97 -36.73
CA PRO B 221 6.65 -8.24 -38.00
C PRO B 221 5.66 -8.89 -38.96
N GLN B 222 5.78 -10.19 -39.19
CA GLN B 222 4.97 -10.91 -40.16
C GLN B 222 3.91 -11.79 -39.49
N ASP B 223 2.87 -12.09 -40.26
CA ASP B 223 1.72 -12.84 -39.76
C ASP B 223 2.12 -14.22 -39.25
N GLY B 224 1.44 -14.66 -38.21
CA GLY B 224 1.77 -15.94 -37.60
C GLY B 224 3.02 -15.93 -36.77
N THR B 225 3.52 -14.76 -36.39
CA THR B 225 4.67 -14.66 -35.52
C THR B 225 4.35 -13.83 -34.30
N ILE B 226 4.98 -14.18 -33.19
CA ILE B 226 4.83 -13.47 -31.93
C ILE B 226 6.20 -12.98 -31.52
N LEU B 227 6.24 -11.80 -30.92
CA LEU B 227 7.45 -11.23 -30.38
C LEU B 227 7.26 -11.22 -28.86
N VAL B 228 7.96 -12.11 -28.17
CA VAL B 228 7.95 -12.14 -26.71
C VAL B 228 9.20 -11.44 -26.21
N THR B 229 9.03 -10.56 -25.23
CA THR B 229 10.15 -9.82 -24.65
C THR B 229 10.06 -9.89 -23.14
N TRP B 230 11.18 -9.62 -22.47
CA TRP B 230 11.24 -9.67 -21.02
C TRP B 230 12.45 -8.88 -20.54
N GLN B 231 12.42 -8.51 -19.28
CA GLN B 231 13.53 -7.79 -18.69
C GLN B 231 14.61 -8.80 -18.30
N PRO B 232 15.82 -8.71 -18.85
CA PRO B 232 16.85 -9.70 -18.54
C PRO B 232 17.18 -9.72 -17.06
N VAL B 233 17.48 -10.92 -16.56
CA VAL B 233 17.83 -11.14 -15.17
C VAL B 233 19.31 -10.86 -14.98
N ASN B 234 19.67 -10.21 -13.87
CA ASN B 234 21.07 -9.91 -13.57
C ASN B 234 21.40 -10.50 -12.21
N ARG B 235 22.26 -11.53 -12.18
CA ARG B 235 22.60 -12.19 -10.94
C ARG B 235 24.09 -12.01 -10.64
N PRO B 236 24.43 -11.74 -9.39
CA PRO B 236 25.85 -11.73 -9.00
C PRO B 236 26.45 -13.12 -9.19
N THR B 237 27.73 -13.15 -9.57
CA THR B 237 28.37 -14.41 -9.94
C THR B 237 28.40 -15.40 -8.78
N SER B 238 28.53 -14.92 -7.55
CA SER B 238 28.55 -15.80 -6.38
C SER B 238 27.34 -16.71 -6.33
N THR B 239 26.16 -16.19 -6.71
CA THR B 239 24.92 -16.92 -6.61
C THR B 239 24.71 -17.88 -7.76
N GLY B 240 25.64 -17.92 -8.70
CA GLY B 240 25.51 -18.73 -9.88
C GLY B 240 24.85 -17.99 -11.02
N PRO B 241 25.64 -17.68 -12.04
CA PRO B 241 25.23 -16.68 -13.04
C PRO B 241 24.11 -17.16 -13.95
N VAL B 242 23.40 -16.18 -14.51
CA VAL B 242 22.37 -16.47 -15.51
C VAL B 242 23.07 -16.84 -16.80
N THR B 243 22.84 -18.05 -17.29
CA THR B 243 23.36 -18.43 -18.60
C THR B 243 22.52 -17.84 -19.73
N GLY B 244 21.19 -17.93 -19.62
CA GLY B 244 20.28 -17.59 -20.71
C GLY B 244 18.82 -17.71 -20.32
N TYR B 245 17.94 -18.03 -21.27
CA TYR B 245 16.51 -18.15 -20.99
C TYR B 245 15.91 -19.24 -21.88
N ALA B 246 14.72 -19.68 -21.51
CA ALA B 246 14.01 -20.70 -22.28
C ALA B 246 12.54 -20.34 -22.35
N VAL B 247 11.97 -20.40 -23.55
CA VAL B 247 10.59 -19.98 -23.79
C VAL B 247 9.71 -21.22 -23.92
N TYR B 248 8.55 -21.19 -23.26
CA TYR B 248 7.64 -22.32 -23.20
C TYR B 248 6.25 -21.87 -23.60
N ALA B 249 5.51 -22.78 -24.22
CA ALA B 249 4.11 -22.55 -24.60
C ALA B 249 3.30 -23.74 -24.12
N ASP B 250 2.46 -23.51 -23.09
CA ASP B 250 1.65 -24.55 -22.47
C ASP B 250 2.49 -25.69 -21.93
N GLY B 251 3.65 -25.35 -21.35
CA GLY B 251 4.57 -26.35 -20.85
C GLY B 251 5.45 -26.99 -21.92
N LYS B 252 5.47 -26.43 -23.12
CA LYS B 252 6.21 -26.99 -24.25
C LYS B 252 7.36 -26.04 -24.56
N LYS B 253 8.60 -26.52 -24.43
CA LYS B 253 9.75 -25.64 -24.67
C LYS B 253 9.77 -25.25 -26.14
N VAL B 254 9.57 -23.96 -26.41
CA VAL B 254 9.60 -23.45 -27.76
C VAL B 254 11.03 -23.20 -28.23
N THR B 255 11.79 -22.41 -27.48
CA THR B 255 13.11 -22.02 -27.95
C THR B 255 14.02 -21.76 -26.76
N ASP B 256 15.32 -21.69 -27.06
CA ASP B 256 16.35 -21.40 -26.07
C ASP B 256 17.14 -20.19 -26.54
N ILE B 257 17.36 -19.24 -25.63
CA ILE B 257 18.22 -18.09 -25.85
C ILE B 257 19.40 -18.24 -24.91
N ASN B 258 20.60 -18.32 -25.47
CA ASN B 258 21.79 -18.62 -24.70
C ASN B 258 22.72 -17.42 -24.57
N SER B 259 22.12 -16.24 -24.40
CA SER B 259 22.79 -15.06 -23.91
C SER B 259 22.12 -14.57 -22.63
N PRO B 260 22.87 -14.28 -21.57
CA PRO B 260 22.24 -13.74 -20.35
C PRO B 260 21.63 -12.37 -20.55
N THR B 261 22.07 -11.63 -21.57
CA THR B 261 21.53 -10.31 -21.87
C THR B 261 20.40 -10.36 -22.88
N GLY B 262 20.13 -11.52 -23.48
CA GLY B 262 19.02 -11.61 -24.43
C GLY B 262 17.73 -11.24 -23.75
N ASP B 263 16.88 -10.49 -24.46
CA ASP B 263 15.63 -10.02 -23.89
C ASP B 263 14.41 -10.33 -24.74
N HIS B 264 14.53 -11.17 -25.76
CA HIS B 264 13.37 -11.40 -26.60
C HIS B 264 13.53 -12.68 -27.40
N ALA B 265 12.40 -13.15 -27.91
CA ALA B 265 12.33 -14.26 -28.84
C ALA B 265 11.23 -13.95 -29.84
N LEU B 266 11.44 -14.35 -31.08
CA LEU B 266 10.42 -14.20 -32.11
C LEU B 266 10.04 -15.61 -32.53
N ILE B 267 8.80 -15.98 -32.22
CA ILE B 267 8.33 -17.35 -32.43
C ILE B 267 7.23 -17.33 -33.49
N ASP B 268 7.24 -18.35 -34.34
CA ASP B 268 6.25 -18.56 -35.37
C ASP B 268 5.17 -19.50 -34.84
N ILE B 269 3.93 -18.99 -34.72
CA ILE B 269 2.83 -19.82 -34.23
C ILE B 269 2.68 -21.07 -35.08
N GLY B 270 2.97 -20.97 -36.37
CA GLY B 270 2.80 -22.11 -37.27
C GLY B 270 3.77 -23.25 -36.99
N LYS B 271 5.03 -22.92 -36.74
CA LYS B 271 6.09 -23.93 -36.68
C LYS B 271 6.15 -24.68 -35.36
N LEU B 272 5.30 -24.36 -34.39
CA LEU B 272 5.25 -25.14 -33.16
C LEU B 272 4.12 -26.16 -33.20
N GLY B 273 4.43 -27.37 -32.75
CA GLY B 273 3.47 -28.46 -32.73
C GLY B 273 2.34 -28.29 -31.74
N VAL B 274 2.41 -27.27 -30.89
CA VAL B 274 1.30 -26.95 -30.01
C VAL B 274 0.11 -26.44 -30.84
N PHE B 275 -1.09 -26.75 -30.38
CA PHE B 275 -2.31 -26.43 -31.10
C PHE B 275 -3.04 -25.34 -30.35
N ASN B 276 -3.29 -24.21 -31.02
CA ASN B 276 -3.94 -23.06 -30.42
C ASN B 276 -3.27 -22.73 -29.07
N PRO B 277 -1.96 -22.46 -29.07
CA PRO B 277 -1.28 -22.24 -27.79
C PRO B 277 -1.91 -21.07 -27.05
N ARG B 278 -2.03 -21.22 -25.74
CA ARG B 278 -2.80 -20.28 -24.92
C ARG B 278 -1.93 -19.19 -24.30
N ALA B 279 -0.84 -19.57 -23.63
CA ALA B 279 -0.03 -18.58 -22.92
C ALA B 279 1.44 -18.95 -23.03
N VAL B 280 2.31 -17.97 -22.76
CA VAL B 280 3.75 -18.17 -22.83
C VAL B 280 4.34 -18.05 -21.44
N THR B 281 5.33 -18.89 -21.16
CA THR B 281 6.13 -18.79 -19.95
C THR B 281 7.59 -18.61 -20.34
N ILE B 282 8.37 -17.99 -19.48
CA ILE B 282 9.81 -17.93 -19.67
C ILE B 282 10.48 -18.44 -18.40
N ARG B 283 11.57 -19.17 -18.57
CA ARG B 283 12.38 -19.65 -17.46
C ARG B 283 13.80 -19.13 -17.61
N THR B 284 14.37 -18.65 -16.51
CA THR B 284 15.79 -18.30 -16.49
C THR B 284 16.63 -19.57 -16.35
N LYS B 285 17.64 -19.70 -17.21
CA LYS B 285 18.50 -20.87 -17.12
C LYS B 285 19.83 -20.51 -16.49
N SER B 286 20.41 -21.50 -15.83
CA SER B 286 21.76 -21.44 -15.33
C SER B 286 22.35 -22.82 -15.64
N ARG B 287 23.48 -23.11 -14.98
CA ARG B 287 24.44 -24.05 -15.49
C ARG B 287 23.83 -25.46 -15.51
N ASP B 288 23.11 -25.68 -14.44
CA ASP B 288 22.49 -26.92 -14.05
C ASP B 288 21.04 -26.73 -13.58
N SER B 289 20.43 -25.56 -13.78
CA SER B 289 19.07 -25.43 -13.24
C SER B 289 18.24 -24.44 -14.05
N GLN B 290 16.92 -24.56 -13.89
CA GLN B 290 15.93 -23.70 -14.54
C GLN B 290 15.05 -23.10 -13.46
N SER B 291 14.85 -21.79 -13.50
CA SER B 291 13.84 -21.17 -12.67
C SER B 291 12.46 -21.79 -12.93
N ALA B 292 11.55 -21.53 -11.99
CA ALA B 292 10.14 -21.78 -12.21
C ALA B 292 9.62 -20.91 -13.35
N ASP B 293 8.37 -21.18 -13.76
CA ASP B 293 7.77 -20.45 -14.85
C ASP B 293 7.47 -19.01 -14.45
N SER B 294 7.60 -18.11 -15.41
CA SER B 294 7.26 -16.72 -15.16
C SER B 294 5.74 -16.57 -15.11
N ALA B 295 5.28 -15.33 -14.94
CA ALA B 295 3.86 -15.08 -14.97
C ALA B 295 3.39 -15.23 -16.40
N PRO B 296 2.40 -16.09 -16.67
CA PRO B 296 1.98 -16.28 -18.06
C PRO B 296 1.24 -15.07 -18.60
N ILE B 297 1.38 -14.87 -19.92
CA ILE B 297 0.61 -13.88 -20.65
C ILE B 297 0.04 -14.58 -21.87
N LEU B 298 -1.27 -14.48 -22.07
CA LEU B 298 -1.91 -15.25 -23.11
C LEU B 298 -1.66 -14.65 -24.48
N ILE B 299 -1.47 -15.52 -25.47
CA ILE B 299 -1.31 -15.12 -26.86
C ILE B 299 -2.60 -14.47 -27.35
N PRO B 300 -2.54 -13.24 -27.84
CA PRO B 300 -3.74 -12.66 -28.47
C PRO B 300 -4.05 -13.40 -29.75
N ASN B 301 -5.34 -13.52 -30.03
CA ASN B 301 -5.75 -13.99 -31.35
C ASN B 301 -5.06 -13.14 -32.42
N THR B 302 -4.60 -13.82 -33.47
CA THR B 302 -3.65 -13.29 -34.46
C THR B 302 -2.26 -13.21 -33.87
P PO4 C . -14.29 14.44 -13.42
O1 PO4 C . -14.28 15.85 -12.88
O2 PO4 C . -13.63 14.41 -14.77
O3 PO4 C . -15.72 13.94 -13.53
O4 PO4 C . -13.53 13.54 -12.47
#